data_7U3X
#
_entry.id   7U3X
#
_cell.length_a   67.961
_cell.length_b   100.275
_cell.length_c   102.065
_cell.angle_alpha   100.577
_cell.angle_beta   100.806
_cell.angle_gamma   102.394
#
_symmetry.space_group_name_H-M   'P 1'
#
loop_
_entity.id
_entity.type
_entity.pdbx_description
1 polymer 'DNA (31-MER)'
2 polymer "DNA (5'-D(*TP*TP*AP*GP*TP*CP*GP*TP*GP*GP*CP*TP*CP*G)-3')"
3 polymer "DNA (5'-D(*TP*GP*CP*GP*CP*TP*AP*GP*CP*GP*GP*AP*TP*CP*TP*TP*GP*TP*GP*GP*CP*TP*GP*C)-3')"
4 polymer 'DNA (31-MER)'
5 polymer "DNA (5'-D(*TP*CP*TP*AP*GP*CP*AP*TP*AP*GP*AP*CP*TP*GP*AP*TP*GP*TP*GP*GP*TP*AP*GP*G)-3')"
6 polymer "DNA (5'-D(*AP*AP*CP*CP*TP*AP*CP*CP*TP*GP*GP*CP*AP*GP*GP*AP*CP*GP*AP*CP*T)-3')"
7 polymer "DNA (5'-D(P*TP*CP*AP*CP*CP*TP*GP*CP*CP*AP*CP*CP*GP*TP*AP*CP*AP*CP*CP*GP*A)-3')"
#
loop_
_entity_poly.entity_id
_entity_poly.type
_entity_poly.pdbx_seq_one_letter_code
_entity_poly.pdbx_strand_id
1 'polydeoxyribonucleotide'
;(DC)(DA)(DC)(DG)(DA)(DG)(DC)(DC)(DT)(DG)(DA)(DT)(DC)(DG)(DG)(DA)(DC)(DA)(DA)(DG)
(DA)(DT)(DC)(DC)(DG)(DC)(DT)(DA)(DG)(DC)(DG)
;
A
2 'polydeoxyribonucleotide' (DT)(DT)(DA)(DG)(DT)(DC)(DG)(DT)(DG)(DG)(DC)(DT)(DC)(DG) E
3 'polydeoxyribonucleotide'
;(DT)(DG)(DC)(DG)(DC)(DT)(DA)(DG)(DC)(DG)(DG)(DA)(DT)(DC)(DT)(DT)(DG)(DT)(DG)(DG)
(DC)(DT)(DG)(DC)
;
D
4 'polydeoxyribonucleotide'
;(DG)(DA)(DG)(DC)(DA)(DG)(DC)(DC)(DT)(DG)(DT)(DA)(DC)(DG)(DG)(DA)(DC)(DA)(DT)(DC)
(DA)(DG)(DT)(DC)(DT)(DA)(DT)(DG)(DC)(DT)(DA)
;
B
5 'polydeoxyribonucleotide'
;(DT)(DC)(DT)(DA)(DG)(DC)(DA)(DT)(DA)(DG)(DA)(DC)(DT)(DG)(DA)(DT)(DG)(DT)(DG)(DG)
(DT)(DA)(DG)(DG)
;
F
6 'polydeoxyribonucleotide'
;(DA)(DA)(DC)(DC)(DT)(DA)(DC)(DC)(DT)(DG)(DG)(DC)(DA)(DG)(DG)(DA)(DC)(DG)(DA)(DC)
(DT)
;
C
7 'polydeoxyribonucleotide'
;(DT)(DC)(DA)(DC)(DC)(DT)(DG)(DC)(DC)(DA)(DC)(DC)(DG)(DT)(DA)(DC)(DA)(DC)(DC)(DG)
(DA)
;
M
#